data_9BA6
#
_entry.id   9BA6
#
_cell.length_a   53.962
_cell.length_b   73.442
_cell.length_c   63.027
_cell.angle_alpha   90.000
_cell.angle_beta   94.250
_cell.angle_gamma   90.000
#
_symmetry.space_group_name_H-M   'P 1 21 1'
#
loop_
_entity.id
_entity.type
_entity.pdbx_description
1 polymer 'Ferrous iron transport protein B'
2 non-polymer GLYCEROL
3 non-polymer 'CHLORIDE ION'
4 water water
#
_entity_poly.entity_id   1
_entity_poly.type   'polypeptide(L)'
_entity_poly.pdbx_seq_one_letter_code
;SKYQVLTVGNPNSGKTTLFNGLTGAKQQVGNWAGVTVEKKTGSFVHAGDEFSLTDLPGIYALDSGNDSNSIDESIASRAV
LTHPADVIINVVDATCLERSLYMTLQLRELRRPMIVVLNKMDALKRERVHLDLKQLEAFLGCPVLALSANNKEQVRRFKE
KLHKLLVQGIALKQIELHYGAEFESLIHELEPMFAEQAVSARALAIRALENDRLVINGLKEAERQNVEQRQHECQVDIDL
LVANVRYTYLHELCTHVRRTE
;
_entity_poly.pdbx_strand_id   A,B
#
# COMPACT_ATOMS: atom_id res chain seq x y z
N SER A 1 -3.41 41.41 -5.94
CA SER A 1 -3.84 40.23 -5.16
C SER A 1 -2.65 39.62 -4.44
N LYS A 2 -2.91 38.94 -3.32
CA LYS A 2 -1.94 38.08 -2.67
C LYS A 2 -2.48 36.67 -2.68
N TYR A 3 -1.59 35.71 -2.97
CA TYR A 3 -1.96 34.30 -2.97
C TYR A 3 -1.06 33.58 -1.97
N GLN A 4 -1.66 32.64 -1.26
CA GLN A 4 -0.95 31.79 -0.30
C GLN A 4 -0.95 30.36 -0.82
N VAL A 5 0.23 29.74 -0.75
CA VAL A 5 0.44 28.44 -1.36
C VAL A 5 1.12 27.53 -0.35
N LEU A 6 0.73 26.24 -0.35
CA LEU A 6 1.42 25.18 0.38
C LEU A 6 2.03 24.20 -0.61
N THR A 7 3.29 23.81 -0.35
CA THR A 7 3.93 22.74 -1.10
C THR A 7 3.97 21.49 -0.21
N VAL A 8 3.43 20.40 -0.74
CA VAL A 8 3.34 19.17 0.01
C VAL A 8 3.71 17.97 -0.88
N GLY A 9 4.33 16.97 -0.24
CA GLY A 9 4.65 15.72 -0.90
C GLY A 9 5.53 14.83 -0.01
N ASN A 10 5.94 13.69 -0.59
CA ASN A 10 6.79 12.75 0.10
C ASN A 10 8.20 13.32 0.16
N PRO A 11 9.03 12.92 1.15
CA PRO A 11 10.45 13.21 1.10
C PRO A 11 10.96 12.79 -0.28
N ASN A 12 11.85 13.62 -0.85
CA ASN A 12 12.55 13.37 -2.10
C ASN A 12 11.59 13.26 -3.31
N SER A 13 10.39 13.81 -3.20
CA SER A 13 9.49 13.97 -4.34
C SER A 13 9.96 15.13 -5.23
N GLY A 14 10.62 16.11 -4.61
CA GLY A 14 11.04 17.33 -5.30
C GLY A 14 10.20 18.55 -4.94
N LYS A 15 9.39 18.45 -3.87
CA LYS A 15 8.62 19.58 -3.39
C LYS A 15 9.56 20.65 -2.84
N THR A 16 10.67 20.25 -2.24
CA THR A 16 11.67 21.21 -1.75
C THR A 16 12.37 21.88 -2.92
N THR A 17 12.56 21.11 -3.98
CA THR A 17 13.24 21.57 -5.17
C THR A 17 12.37 22.60 -5.88
N LEU A 18 11.06 22.39 -5.89
CA LEU A 18 10.13 23.29 -6.54
C LEU A 18 9.99 24.56 -5.70
N PHE A 19 9.76 24.36 -4.40
CA PHE A 19 9.77 25.45 -3.44
C PHE A 19 10.95 26.38 -3.74
N ASN A 20 12.16 25.79 -3.82
CA ASN A 20 13.37 26.56 -3.98
C ASN A 20 13.37 27.26 -5.33
N GLY A 21 12.95 26.54 -6.36
CA GLY A 21 12.89 27.08 -7.70
C GLY A 21 11.98 28.30 -7.80
N LEU A 22 10.84 28.26 -7.12
CA LEU A 22 9.87 29.32 -7.21
C LEU A 22 10.26 30.53 -6.37
N THR A 23 11.06 30.33 -5.30
CA THR A 23 11.23 31.41 -4.33
C THR A 23 12.59 32.12 -4.42
N GLY A 24 13.68 31.40 -4.78
CA GLY A 24 15.03 31.92 -4.58
C GLY A 24 15.44 31.87 -3.10
N ALA A 25 16.06 32.95 -2.58
CA ALA A 25 16.39 33.04 -1.17
C ALA A 25 15.26 33.76 -0.41
N LYS A 26 14.82 33.19 0.73
CA LYS A 26 13.72 33.73 1.52
C LYS A 26 13.71 33.10 2.93
N GLN A 27 12.67 33.37 3.76
CA GLN A 27 12.79 33.22 5.22
C GLN A 27 12.57 31.86 5.89
N GLN A 28 12.84 31.78 7.21
CA GLN A 28 12.73 30.53 7.95
C GLN A 28 12.59 30.72 9.46
N VAL A 29 11.56 30.12 10.07
CA VAL A 29 11.24 30.31 11.49
C VAL A 29 10.21 29.19 11.61
N GLY A 30 9.80 28.85 12.87
CA GLY A 30 9.30 27.60 13.43
C GLY A 30 7.78 27.38 13.32
N ASN A 31 7.32 26.13 13.50
CA ASN A 31 5.90 25.80 13.41
C ASN A 31 5.26 25.86 14.81
N VAL A 35 7.09 25.43 18.54
CA VAL A 35 7.78 24.10 18.54
C VAL A 35 9.14 24.26 17.85
N THR A 36 10.04 23.30 18.04
CA THR A 36 11.41 23.40 17.56
C THR A 36 11.48 23.20 16.05
N VAL A 37 10.44 22.58 15.48
CA VAL A 37 10.42 22.25 14.05
C VAL A 37 10.38 23.55 13.25
N GLU A 38 11.20 23.60 12.18
CA GLU A 38 11.44 24.83 11.46
C GLU A 38 10.37 25.00 10.38
N LYS A 39 9.88 26.24 10.23
CA LYS A 39 8.87 26.56 9.25
C LYS A 39 9.53 27.40 8.15
N LYS A 40 9.48 26.87 6.92
CA LYS A 40 10.17 27.47 5.79
C LYS A 40 9.15 28.15 4.89
N THR A 41 9.38 29.45 4.67
CA THR A 41 8.49 30.34 3.94
C THR A 41 9.28 31.20 2.97
N GLY A 42 8.68 31.45 1.82
CA GLY A 42 9.28 32.27 0.79
C GLY A 42 8.20 32.91 -0.06
N SER A 43 8.59 33.86 -0.92
CA SER A 43 7.63 34.52 -1.80
C SER A 43 8.25 34.78 -3.17
N PHE A 44 7.37 35.04 -4.13
CA PHE A 44 7.75 35.65 -5.38
C PHE A 44 6.62 36.58 -5.83
N VAL A 45 6.92 37.40 -6.84
CA VAL A 45 5.93 38.28 -7.45
C VAL A 45 5.84 37.95 -8.94
N HIS A 46 4.61 37.87 -9.45
CA HIS A 46 4.35 37.60 -10.86
C HIS A 46 3.06 38.31 -11.28
N ALA A 47 3.13 39.13 -12.34
CA ALA A 47 2.00 39.83 -12.96
C ALA A 47 1.28 40.73 -11.97
N GLY A 48 2.06 41.42 -11.12
CA GLY A 48 1.52 42.33 -10.12
C GLY A 48 1.13 41.64 -8.80
N ASP A 49 0.85 40.33 -8.86
CA ASP A 49 0.35 39.59 -7.72
C ASP A 49 1.50 38.99 -6.90
N GLU A 50 1.34 38.98 -5.58
CA GLU A 50 2.36 38.41 -4.73
C GLU A 50 2.00 36.97 -4.34
N PHE A 51 3.02 36.12 -4.18
CA PHE A 51 2.78 34.72 -3.83
C PHE A 51 3.52 34.38 -2.55
N SER A 52 2.75 33.93 -1.57
CA SER A 52 3.31 33.56 -0.30
C SER A 52 3.22 32.03 -0.14
N LEU A 53 4.40 31.40 0.00
CA LEU A 53 4.54 29.96 -0.03
C LEU A 53 5.09 29.44 1.28
N THR A 54 4.44 28.40 1.80
CA THR A 54 4.93 27.61 2.93
C THR A 54 5.15 26.17 2.48
N ASP A 55 6.32 25.61 2.86
CA ASP A 55 6.72 24.24 2.57
C ASP A 55 6.39 23.33 3.77
N LEU A 56 5.49 22.36 3.57
CA LEU A 56 5.20 21.36 4.60
C LEU A 56 6.35 20.37 4.64
N PRO A 57 6.75 19.84 5.83
CA PRO A 57 7.73 18.76 5.89
C PRO A 57 7.24 17.58 5.07
N GLY A 58 8.18 16.80 4.52
CA GLY A 58 7.81 15.69 3.65
C GLY A 58 7.13 14.60 4.46
N ILE A 59 6.02 14.06 3.95
CA ILE A 59 5.28 12.99 4.61
C ILE A 59 4.68 12.04 3.58
N TYR A 60 4.51 10.77 4.00
CA TYR A 60 4.04 9.70 3.15
C TYR A 60 2.52 9.57 3.26
N ALA A 61 1.94 10.14 4.32
CA ALA A 61 0.53 10.01 4.62
C ALA A 61 0.14 11.07 5.64
N LEU A 62 -1.12 11.52 5.58
CA LEU A 62 -1.66 12.48 6.53
C LEU A 62 -2.13 11.79 7.80
N ASP A 63 -1.20 11.31 8.63
CA ASP A 63 -1.53 10.72 9.90
C ASP A 63 -1.14 11.66 11.03
N SER A 64 -1.85 11.56 12.15
CA SER A 64 -1.43 12.24 13.36
C SER A 64 -0.22 11.52 13.99
N SER A 70 6.69 11.24 15.32
CA SER A 70 5.88 11.47 14.10
C SER A 70 5.52 12.95 14.01
N ILE A 71 6.42 13.82 14.49
CA ILE A 71 6.06 15.20 14.77
C ILE A 71 5.95 15.98 13.47
N ASP A 72 6.82 15.67 12.51
CA ASP A 72 6.78 16.28 11.19
C ASP A 72 5.49 15.87 10.48
N GLU A 73 5.05 14.62 10.64
CA GLU A 73 3.80 14.17 10.03
C GLU A 73 2.64 14.94 10.68
N SER A 74 2.73 15.14 11.99
CA SER A 74 1.70 15.85 12.76
C SER A 74 1.53 17.26 12.22
N ILE A 75 2.65 17.97 12.06
CA ILE A 75 2.63 19.36 11.63
C ILE A 75 1.94 19.46 10.27
N ALA A 76 2.35 18.57 9.34
CA ALA A 76 1.87 18.59 7.96
C ALA A 76 0.38 18.27 7.90
N SER A 77 -0.02 17.32 8.70
CA SER A 77 -1.42 16.91 8.74
C SER A 77 -2.25 18.09 9.26
N ARG A 78 -1.76 18.73 10.32
CA ARG A 78 -2.43 19.88 10.88
C ARG A 78 -2.55 20.95 9.79
N ALA A 79 -1.47 21.16 9.04
CA ALA A 79 -1.36 22.29 8.16
C ALA A 79 -2.31 22.18 6.97
N VAL A 80 -2.58 20.98 6.48
CA VAL A 80 -3.43 20.85 5.31
C VAL A 80 -4.89 21.05 5.71
N LEU A 81 -5.19 20.90 7.01
CA LEU A 81 -6.55 21.08 7.51
C LEU A 81 -6.81 22.55 7.83
N THR A 82 -5.81 23.27 8.37
CA THR A 82 -6.10 24.52 9.06
C THR A 82 -5.34 25.73 8.47
N HIS A 83 -4.23 25.50 7.77
CA HIS A 83 -3.43 26.62 7.33
C HIS A 83 -4.11 27.25 6.12
N PRO A 84 -4.23 28.58 6.07
CA PRO A 84 -4.80 29.25 4.90
C PRO A 84 -4.01 28.85 3.67
N ALA A 85 -4.71 28.63 2.57
CA ALA A 85 -4.09 28.35 1.29
C ALA A 85 -5.13 28.53 0.20
N ASP A 86 -4.79 29.35 -0.78
CA ASP A 86 -5.57 29.46 -2.00
C ASP A 86 -5.36 28.20 -2.82
N VAL A 87 -4.15 27.63 -2.76
CA VAL A 87 -3.92 26.35 -3.40
C VAL A 87 -2.86 25.54 -2.69
N ILE A 88 -3.12 24.22 -2.68
CA ILE A 88 -2.12 23.21 -2.31
C ILE A 88 -1.49 22.57 -3.57
N ILE A 89 -0.16 22.64 -3.62
CA ILE A 89 0.63 22.04 -4.67
C ILE A 89 1.22 20.74 -4.11
N ASN A 90 0.67 19.61 -4.61
CA ASN A 90 1.12 18.28 -4.26
C ASN A 90 2.12 17.82 -5.32
N VAL A 91 3.40 17.81 -4.94
CA VAL A 91 4.45 17.33 -5.80
C VAL A 91 4.57 15.82 -5.63
N VAL A 92 4.51 15.12 -6.78
CA VAL A 92 4.41 13.66 -6.84
C VAL A 92 5.59 13.09 -7.65
N ASP A 93 6.24 12.05 -7.13
CA ASP A 93 7.28 11.34 -7.89
C ASP A 93 6.60 10.31 -8.78
N ALA A 94 6.81 10.45 -10.10
CA ALA A 94 6.11 9.69 -11.13
C ALA A 94 6.64 8.26 -11.22
N THR A 95 7.86 8.04 -10.71
CA THR A 95 8.53 6.76 -10.88
C THR A 95 8.00 5.74 -9.88
N CYS A 96 7.19 6.17 -8.90
CA CYS A 96 6.55 5.25 -7.96
C CYS A 96 5.20 5.81 -7.57
N LEU A 97 4.26 5.69 -8.50
CA LEU A 97 2.99 6.38 -8.40
C LEU A 97 2.11 5.69 -7.36
N GLU A 98 2.19 4.36 -7.28
CA GLU A 98 1.32 3.56 -6.41
C GLU A 98 1.50 3.99 -4.95
N ARG A 99 2.72 4.40 -4.58
CA ARG A 99 3.00 4.86 -3.24
C ARG A 99 2.71 6.37 -3.13
N SER A 100 3.21 7.18 -4.08
CA SER A 100 3.18 8.63 -4.02
C SER A 100 1.75 9.13 -3.91
N LEU A 101 0.83 8.53 -4.67
CA LEU A 101 -0.51 9.08 -4.80
C LEU A 101 -1.37 8.76 -3.60
N TYR A 102 -0.85 7.96 -2.68
CA TYR A 102 -1.64 7.63 -1.49
C TYR A 102 -2.06 8.94 -0.82
N MET A 103 -1.08 9.82 -0.58
CA MET A 103 -1.36 11.05 0.13
C MET A 103 -2.25 11.95 -0.74
N THR A 104 -2.00 11.93 -2.05
CA THR A 104 -2.84 12.65 -2.99
C THR A 104 -4.31 12.38 -2.71
N LEU A 105 -4.65 11.10 -2.46
CA LEU A 105 -6.03 10.66 -2.29
C LEU A 105 -6.60 11.30 -1.03
N GLN A 106 -5.77 11.35 0.03
CA GLN A 106 -6.14 11.96 1.29
C GLN A 106 -6.39 13.45 1.07
N LEU A 107 -5.46 14.08 0.34
CA LEU A 107 -5.55 15.48 0.00
C LEU A 107 -6.83 15.72 -0.79
N ARG A 108 -7.21 14.81 -1.70
CA ARG A 108 -8.40 15.05 -2.53
C ARG A 108 -9.68 14.96 -1.68
N GLU A 109 -9.66 14.10 -0.66
CA GLU A 109 -10.81 13.92 0.21
C GLU A 109 -11.11 15.21 1.00
N LEU A 110 -10.07 16.03 1.27
CA LEU A 110 -10.29 17.31 1.93
C LEU A 110 -11.15 18.26 1.09
N ARG A 111 -11.00 18.22 -0.24
CA ARG A 111 -11.76 19.06 -1.15
C ARG A 111 -11.31 20.50 -1.05
N ARG A 112 -10.03 20.69 -0.72
CA ARG A 112 -9.39 22.00 -0.73
C ARG A 112 -8.77 22.19 -2.10
N PRO A 113 -8.76 23.43 -2.66
CA PRO A 113 -8.14 23.68 -3.96
C PRO A 113 -6.70 23.18 -4.03
N MET A 114 -6.41 22.33 -5.01
CA MET A 114 -5.08 21.78 -5.11
C MET A 114 -4.78 21.43 -6.55
N ILE A 115 -3.46 21.26 -6.76
CA ILE A 115 -2.88 20.83 -8.01
C ILE A 115 -1.92 19.67 -7.74
N VAL A 116 -1.83 18.76 -8.69
CA VAL A 116 -0.88 17.67 -8.59
C VAL A 116 0.21 17.93 -9.62
N VAL A 117 1.45 18.01 -9.14
CA VAL A 117 2.56 18.28 -10.02
C VAL A 117 3.36 16.99 -10.13
N LEU A 118 3.38 16.41 -11.32
CA LEU A 118 4.12 15.18 -11.55
C LEU A 118 5.58 15.51 -11.81
N ASN A 119 6.47 14.99 -10.97
CA ASN A 119 7.90 15.21 -11.13
C ASN A 119 8.44 13.97 -11.85
N LYS A 120 9.74 14.02 -12.18
CA LYS A 120 10.67 12.92 -12.45
C LYS A 120 10.17 12.11 -13.64
N MET A 121 9.60 12.80 -14.62
CA MET A 121 8.90 12.11 -15.68
C MET A 121 9.83 11.81 -16.84
N ASP A 122 11.03 12.39 -16.84
CA ASP A 122 12.01 12.06 -17.86
C ASP A 122 12.72 10.77 -17.44
N ALA A 123 12.78 10.53 -16.13
CA ALA A 123 13.23 9.26 -15.59
C ALA A 123 12.28 8.13 -16.02
N LEU A 124 11.01 8.46 -16.24
CA LEU A 124 9.99 7.48 -16.54
C LEU A 124 10.01 7.15 -18.04
N LYS A 125 10.39 8.14 -18.85
CA LYS A 125 10.54 7.95 -20.29
C LYS A 125 11.71 7.01 -20.60
N ARG A 126 12.69 6.90 -19.69
CA ARG A 126 13.73 5.90 -19.82
C ARG A 126 13.07 4.52 -20.00
N GLU A 127 12.25 4.15 -19.02
CA GLU A 127 11.64 2.84 -18.92
C GLU A 127 10.68 2.55 -20.07
N ARG A 128 10.42 3.56 -20.91
CA ARG A 128 9.46 3.52 -22.00
C ARG A 128 8.04 3.34 -21.42
N VAL A 129 7.82 4.00 -20.29
CA VAL A 129 6.50 4.05 -19.68
C VAL A 129 5.98 5.46 -19.90
N HIS A 130 4.77 5.56 -20.47
CA HIS A 130 4.12 6.86 -20.58
C HIS A 130 2.83 6.87 -19.75
N LEU A 131 2.48 8.06 -19.28
CA LEU A 131 1.29 8.32 -18.48
C LEU A 131 0.32 9.14 -19.31
N ASP A 132 -0.99 8.82 -19.23
CA ASP A 132 -2.06 9.67 -19.75
C ASP A 132 -2.51 10.61 -18.64
N LEU A 133 -2.07 11.88 -18.70
CA LEU A 133 -2.35 12.87 -17.68
C LEU A 133 -3.77 13.41 -17.84
N LYS A 134 -4.31 13.31 -19.04
CA LYS A 134 -5.72 13.61 -19.25
C LYS A 134 -6.57 12.68 -18.37
N GLN A 135 -6.32 11.37 -18.46
CA GLN A 135 -7.11 10.38 -17.72
C GLN A 135 -6.84 10.47 -16.23
N LEU A 136 -5.57 10.57 -15.84
CA LEU A 136 -5.21 10.80 -14.46
C LEU A 136 -5.97 12.01 -13.91
N GLU A 137 -6.03 13.11 -14.66
CA GLU A 137 -6.85 14.24 -14.27
C GLU A 137 -8.30 13.82 -14.05
N ALA A 138 -8.84 13.03 -14.99
CA ALA A 138 -10.19 12.54 -14.90
C ALA A 138 -10.40 11.71 -13.62
N PHE A 139 -9.38 10.96 -13.22
CA PHE A 139 -9.47 10.15 -12.01
C PHE A 139 -9.40 11.03 -10.76
N LEU A 140 -8.36 11.85 -10.67
CA LEU A 140 -8.12 12.68 -9.49
C LEU A 140 -9.16 13.79 -9.34
N GLY A 141 -9.62 14.38 -10.46
CA GLY A 141 -10.58 15.48 -10.40
C GLY A 141 -9.97 16.83 -10.00
N CYS A 142 -8.64 16.96 -10.12
CA CYS A 142 -7.93 18.23 -9.96
C CYS A 142 -6.94 18.40 -11.11
N PRO A 143 -6.41 19.62 -11.36
CA PRO A 143 -5.30 19.76 -12.30
C PRO A 143 -4.10 18.89 -11.95
N VAL A 144 -3.58 18.26 -13.00
CA VAL A 144 -2.35 17.51 -12.98
C VAL A 144 -1.45 18.09 -14.06
N LEU A 145 -0.25 18.53 -13.65
CA LEU A 145 0.74 19.05 -14.57
C LEU A 145 2.02 18.21 -14.51
N ALA A 146 2.69 18.12 -15.67
CA ALA A 146 4.01 17.55 -15.76
C ALA A 146 5.02 18.68 -15.65
N LEU A 147 6.08 18.47 -14.90
CA LEU A 147 7.02 19.51 -14.56
C LEU A 147 8.22 18.88 -13.86
N SER A 148 9.40 18.97 -14.49
CA SER A 148 10.64 18.65 -13.80
C SER A 148 11.00 19.80 -12.86
N ALA A 149 10.94 19.50 -11.55
CA ALA A 149 11.14 20.51 -10.53
C ALA A 149 12.54 21.09 -10.54
N ASN A 150 13.46 20.55 -11.36
CA ASN A 150 14.87 20.92 -11.26
C ASN A 150 15.36 21.64 -12.51
N ASN A 151 14.46 22.02 -13.42
CA ASN A 151 14.92 22.89 -14.49
C ASN A 151 14.06 24.15 -14.45
N LYS A 152 14.77 25.28 -14.47
CA LYS A 152 14.26 26.54 -13.97
C LYS A 152 13.31 27.15 -14.99
N GLU A 153 13.55 26.81 -16.26
CA GLU A 153 12.71 27.17 -17.38
C GLU A 153 11.28 26.65 -17.18
N GLN A 154 11.17 25.38 -16.81
CA GLN A 154 9.84 24.77 -16.69
C GLN A 154 9.15 25.28 -15.44
N VAL A 155 9.92 25.48 -14.37
CA VAL A 155 9.43 26.09 -13.15
C VAL A 155 8.92 27.51 -13.45
N ARG A 156 9.62 28.26 -14.29
CA ARG A 156 9.20 29.62 -14.55
C ARG A 156 7.89 29.66 -15.32
N ARG A 157 7.77 28.79 -16.33
CA ARG A 157 6.53 28.61 -17.07
C ARG A 157 5.44 28.21 -16.09
N PHE A 158 5.82 27.43 -15.09
CA PHE A 158 4.87 26.95 -14.13
C PHE A 158 4.28 28.13 -13.36
N LYS A 159 5.09 29.18 -13.12
CA LYS A 159 4.59 30.35 -12.41
C LYS A 159 3.38 30.99 -13.10
N GLU A 160 3.46 31.10 -14.42
CA GLU A 160 2.40 31.72 -15.21
C GLU A 160 1.16 30.84 -15.15
N LYS A 161 1.36 29.53 -15.24
CA LYS A 161 0.25 28.58 -15.27
C LYS A 161 -0.49 28.60 -13.94
N LEU A 162 0.26 28.56 -12.84
CA LEU A 162 -0.25 28.70 -11.48
C LEU A 162 -1.04 30.00 -11.31
N HIS A 163 -0.47 31.12 -11.76
CA HIS A 163 -1.14 32.41 -11.71
C HIS A 163 -2.47 32.33 -12.48
N LYS A 164 -2.43 31.73 -13.69
CA LYS A 164 -3.64 31.60 -14.48
C LYS A 164 -4.71 30.89 -13.65
N LEU A 165 -4.35 29.70 -13.16
CA LEU A 165 -5.27 28.82 -12.44
C LEU A 165 -5.85 29.53 -11.23
N LEU A 166 -5.02 30.22 -10.48
CA LEU A 166 -5.51 30.92 -9.30
C LEU A 166 -6.50 32.00 -9.70
N VAL A 167 -6.23 32.68 -10.82
CA VAL A 167 -7.05 33.79 -11.29
C VAL A 167 -8.46 33.31 -11.65
N GLN A 168 -8.56 32.24 -12.44
CA GLN A 168 -9.84 31.78 -12.93
C GLN A 168 -10.50 30.86 -11.90
N GLY A 169 -9.80 30.50 -10.84
CA GLY A 169 -10.33 29.51 -9.92
C GLY A 169 -10.08 28.10 -10.45
N ILE A 170 -9.69 27.21 -9.54
CA ILE A 170 -9.35 25.82 -9.86
C ILE A 170 -10.62 24.97 -9.86
N ALA A 171 -10.95 24.41 -11.03
CA ALA A 171 -12.12 23.56 -11.18
C ALA A 171 -11.84 22.18 -10.56
N LEU A 172 -12.68 21.74 -9.61
CA LEU A 172 -12.53 20.37 -9.15
C LEU A 172 -13.87 19.64 -9.06
N LYS A 173 -13.74 18.34 -9.38
CA LYS A 173 -14.80 17.36 -9.40
C LYS A 173 -14.45 16.33 -8.34
N GLN A 174 -15.47 15.91 -7.57
CA GLN A 174 -15.22 15.21 -6.32
C GLN A 174 -14.78 13.80 -6.67
N ILE A 175 -13.74 13.33 -5.97
CA ILE A 175 -13.09 12.07 -6.29
C ILE A 175 -14.02 10.92 -5.93
N GLU A 176 -14.27 10.02 -6.89
CA GLU A 176 -15.19 8.90 -6.68
C GLU A 176 -14.42 7.75 -6.06
N LEU A 177 -14.30 7.76 -4.72
CA LEU A 177 -13.50 6.80 -3.96
C LEU A 177 -14.31 6.31 -2.77
N HIS A 178 -14.88 5.09 -2.90
CA HIS A 178 -15.96 4.57 -2.10
C HIS A 178 -15.39 3.44 -1.23
N TYR A 179 -15.82 3.36 0.04
CA TYR A 179 -15.13 2.50 0.99
C TYR A 179 -15.93 1.23 1.28
N GLY A 180 -16.98 0.97 0.48
CA GLY A 180 -17.88 -0.14 0.74
C GLY A 180 -18.97 0.19 1.76
N ALA A 181 -20.10 -0.51 1.65
CA ALA A 181 -21.35 -0.10 2.25
C ALA A 181 -21.22 0.13 3.76
N GLU A 182 -20.53 -0.78 4.47
CA GLU A 182 -20.52 -0.73 5.91
C GLU A 182 -19.77 0.53 6.33
N PHE A 183 -18.68 0.85 5.63
CA PHE A 183 -17.85 1.99 6.03
C PHE A 183 -18.51 3.31 5.64
N GLU A 184 -19.11 3.35 4.45
CA GLU A 184 -19.92 4.46 4.02
C GLU A 184 -21.02 4.77 5.03
N SER A 185 -21.67 3.75 5.59
CA SER A 185 -22.79 4.03 6.48
C SER A 185 -22.26 4.67 7.76
N LEU A 186 -21.06 4.24 8.17
CA LEU A 186 -20.41 4.78 9.34
C LEU A 186 -20.00 6.23 9.06
N ILE A 187 -19.51 6.50 7.86
CA ILE A 187 -19.15 7.85 7.47
C ILE A 187 -20.38 8.76 7.54
N HIS A 188 -21.51 8.19 7.15
CA HIS A 188 -22.74 8.93 6.95
C HIS A 188 -23.34 9.31 8.30
N GLU A 189 -23.25 8.40 9.29
CA GLU A 189 -23.78 8.67 10.61
C GLU A 189 -23.02 9.86 11.22
N LEU A 190 -21.75 10.05 10.83
CA LEU A 190 -20.86 10.96 11.51
C LEU A 190 -20.70 12.31 10.81
N GLU A 191 -21.03 12.42 9.53
CA GLU A 191 -20.81 13.67 8.81
C GLU A 191 -21.45 14.87 9.53
N PRO A 192 -22.71 14.79 10.01
CA PRO A 192 -23.36 15.96 10.61
C PRO A 192 -22.50 16.61 11.68
N MET A 193 -21.91 15.77 12.52
CA MET A 193 -20.96 16.12 13.56
C MET A 193 -19.87 17.07 13.03
N PHE A 194 -19.47 16.87 11.76
CA PHE A 194 -18.38 17.60 11.14
C PHE A 194 -18.86 18.51 10.01
N ALA A 195 -20.17 18.77 9.95
CA ALA A 195 -20.71 19.73 8.97
C ALA A 195 -20.30 21.16 9.34
N GLU A 196 -20.10 21.98 8.30
CA GLU A 196 -19.86 23.41 8.41
C GLU A 196 -18.57 23.70 9.14
N GLN A 197 -17.54 22.99 8.69
CA GLN A 197 -16.17 23.23 9.10
C GLN A 197 -15.45 23.63 7.83
N ALA A 198 -14.20 24.07 7.98
CA ALA A 198 -13.39 24.68 6.93
C ALA A 198 -13.00 23.67 5.84
N VAL A 199 -13.34 22.41 6.09
CA VAL A 199 -12.97 21.27 5.25
C VAL A 199 -14.17 20.34 5.08
N SER A 200 -14.12 19.49 4.05
CA SER A 200 -15.15 18.49 3.80
C SER A 200 -15.42 17.65 5.05
N ALA A 201 -16.70 17.57 5.41
CA ALA A 201 -17.16 16.79 6.55
C ALA A 201 -16.92 15.30 6.32
N ARG A 202 -16.94 14.84 5.06
CA ARG A 202 -16.67 13.45 4.78
C ARG A 202 -15.22 13.09 5.17
N ALA A 203 -14.29 14.02 4.97
CA ALA A 203 -12.89 13.74 5.23
C ALA A 203 -12.67 13.76 6.73
N LEU A 204 -13.39 14.66 7.38
CA LEU A 204 -13.28 14.76 8.81
C LEU A 204 -13.82 13.46 9.42
N ALA A 205 -14.94 12.96 8.88
CA ALA A 205 -15.52 11.73 9.39
C ALA A 205 -14.59 10.53 9.19
N ILE A 206 -14.02 10.42 7.98
CA ILE A 206 -13.01 9.41 7.72
C ILE A 206 -11.88 9.56 8.73
N ARG A 207 -11.31 10.76 8.90
CA ARG A 207 -10.24 10.97 9.89
C ARG A 207 -10.66 10.48 11.27
N ALA A 208 -11.87 10.83 11.68
CA ALA A 208 -12.33 10.42 12.98
C ALA A 208 -12.45 8.89 13.09
N LEU A 209 -12.97 8.25 12.02
CA LEU A 209 -13.12 6.78 12.03
C LEU A 209 -11.75 6.12 12.15
N GLU A 210 -10.73 6.72 11.53
CA GLU A 210 -9.34 6.31 11.68
C GLU A 210 -8.74 6.64 13.06
N ASN A 211 -9.53 7.18 13.97
CA ASN A 211 -9.04 7.60 15.28
C ASN A 211 -7.97 8.68 15.17
N ASP A 212 -8.11 9.62 14.22
CA ASP A 212 -7.18 10.73 14.11
C ASP A 212 -7.26 11.62 15.35
N ARG A 213 -6.09 11.83 15.95
CA ARG A 213 -5.92 12.59 17.18
C ARG A 213 -6.41 14.02 16.94
N LEU A 214 -6.00 14.58 15.80
CA LEU A 214 -6.19 15.99 15.49
C LEU A 214 -7.68 16.32 15.50
N VAL A 215 -8.48 15.51 14.80
CA VAL A 215 -9.89 15.76 14.67
C VAL A 215 -10.61 15.40 15.98
N ILE A 216 -10.21 14.28 16.59
CA ILE A 216 -11.00 13.69 17.65
C ILE A 216 -10.98 14.58 18.88
N ASN A 217 -9.85 15.28 19.10
CA ASN A 217 -9.66 16.01 20.33
C ASN A 217 -10.53 17.27 20.35
N GLY A 218 -10.87 17.80 19.18
CA GLY A 218 -11.78 18.93 19.06
C GLY A 218 -13.21 18.65 19.56
N LEU A 219 -13.52 17.41 19.91
CA LEU A 219 -14.90 17.01 20.14
C LEU A 219 -15.22 17.04 21.62
N LYS A 220 -16.50 17.22 21.97
CA LYS A 220 -16.92 17.11 23.35
C LYS A 220 -17.08 15.62 23.68
N GLU A 221 -17.32 15.30 24.95
CA GLU A 221 -17.24 13.94 25.45
C GLU A 221 -18.28 13.05 24.75
N ALA A 222 -19.55 13.50 24.72
CA ALA A 222 -20.63 12.79 24.06
C ALA A 222 -20.19 12.36 22.67
N GLU A 223 -19.86 13.33 21.82
CA GLU A 223 -19.63 13.02 20.42
C GLU A 223 -18.36 12.17 20.25
N ARG A 224 -17.39 12.29 21.16
CA ARG A 224 -16.24 11.42 21.12
C ARG A 224 -16.68 9.97 21.31
N GLN A 225 -17.64 9.76 22.21
CA GLN A 225 -18.08 8.42 22.52
C GLN A 225 -18.91 7.89 21.38
N ASN A 226 -19.39 8.78 20.52
CA ASN A 226 -20.19 8.39 19.36
C ASN A 226 -19.27 7.86 18.28
N VAL A 227 -18.16 8.58 18.05
CA VAL A 227 -17.11 8.16 17.12
C VAL A 227 -16.51 6.82 17.53
N GLU A 228 -16.00 6.74 18.75
CA GLU A 228 -15.43 5.51 19.29
C GLU A 228 -16.43 4.35 19.19
N GLN A 229 -17.71 4.60 19.42
CA GLN A 229 -18.72 3.56 19.26
C GLN A 229 -18.84 3.11 17.81
N ARG A 230 -18.70 4.03 16.85
CA ARG A 230 -18.77 3.69 15.44
C ARG A 230 -17.54 2.87 15.06
N GLN A 231 -16.37 3.21 15.60
CA GLN A 231 -15.17 2.41 15.42
C GLN A 231 -15.43 0.96 15.86
N HIS A 232 -15.86 0.79 17.12
CA HIS A 232 -16.22 -0.49 17.71
C HIS A 232 -17.15 -1.26 16.77
N GLU A 233 -18.14 -0.56 16.19
CA GLU A 233 -19.18 -1.14 15.35
C GLU A 233 -18.57 -1.88 14.16
N CYS A 234 -17.72 -1.16 13.42
CA CYS A 234 -17.05 -1.67 12.22
C CYS A 234 -16.45 -3.07 12.45
N GLN A 235 -16.80 -3.98 11.53
CA GLN A 235 -16.45 -5.40 11.60
C GLN A 235 -15.01 -5.63 11.16
N VAL A 236 -14.57 -4.80 10.22
CA VAL A 236 -13.25 -4.93 9.62
C VAL A 236 -12.34 -3.96 10.37
N ASP A 237 -11.04 -4.26 10.47
CA ASP A 237 -10.12 -3.26 11.00
C ASP A 237 -10.08 -2.09 10.02
N ILE A 238 -10.22 -0.88 10.55
CA ILE A 238 -10.44 0.30 9.73
C ILE A 238 -9.18 0.67 8.94
N ASP A 239 -8.03 0.74 9.63
CA ASP A 239 -6.80 1.19 9.00
C ASP A 239 -6.50 0.33 7.77
N LEU A 240 -6.88 -0.93 7.83
CA LEU A 240 -6.62 -1.88 6.78
C LEU A 240 -7.65 -1.76 5.66
N LEU A 241 -8.91 -1.51 6.02
CA LEU A 241 -9.93 -1.35 4.99
C LEU A 241 -9.62 -0.10 4.17
N VAL A 242 -9.24 0.99 4.84
CA VAL A 242 -8.96 2.25 4.16
C VAL A 242 -7.81 2.07 3.16
N ALA A 243 -6.81 1.26 3.52
CA ALA A 243 -5.69 0.93 2.65
C ALA A 243 -6.11 0.05 1.46
N ASN A 244 -6.83 -1.02 1.71
CA ASN A 244 -7.27 -1.81 0.57
C ASN A 244 -8.05 -0.96 -0.41
N VAL A 245 -9.04 -0.22 0.09
CA VAL A 245 -9.81 0.66 -0.78
C VAL A 245 -8.84 1.54 -1.57
N ARG A 246 -7.85 2.14 -0.89
CA ARG A 246 -7.09 3.19 -1.54
C ARG A 246 -6.13 2.59 -2.55
N TYR A 247 -5.41 1.53 -2.16
CA TYR A 247 -4.45 0.86 -3.02
C TYR A 247 -5.16 0.12 -4.14
N THR A 248 -6.36 -0.39 -3.90
CA THR A 248 -7.13 -0.93 -5.01
C THR A 248 -7.40 0.17 -6.02
N TYR A 249 -7.75 1.37 -5.55
CA TYR A 249 -8.05 2.48 -6.45
C TYR A 249 -6.82 2.86 -7.28
N LEU A 250 -5.66 2.92 -6.64
CA LEU A 250 -4.45 3.32 -7.36
C LEU A 250 -4.04 2.25 -8.37
N HIS A 251 -4.31 0.96 -8.08
CA HIS A 251 -4.09 -0.12 -9.05
C HIS A 251 -5.01 0.06 -10.26
N GLU A 252 -6.30 0.30 -10.01
CA GLU A 252 -7.26 0.67 -11.07
C GLU A 252 -6.70 1.82 -11.89
N LEU A 253 -6.42 2.92 -11.20
CA LEU A 253 -5.92 4.15 -11.81
C LEU A 253 -4.63 3.83 -12.58
N CYS A 254 -3.68 3.17 -11.93
CA CYS A 254 -2.39 2.99 -12.56
C CYS A 254 -2.55 2.09 -13.76
N THR A 255 -3.56 1.21 -13.79
CA THR A 255 -3.63 0.28 -14.89
C THR A 255 -4.35 0.94 -16.08
N HIS A 256 -5.17 1.95 -15.80
CA HIS A 256 -5.73 2.78 -16.85
C HIS A 256 -4.67 3.74 -17.42
N VAL A 257 -3.91 4.45 -16.57
CA VAL A 257 -3.15 5.60 -17.05
C VAL A 257 -1.76 5.22 -17.57
N ARG A 258 -1.22 4.05 -17.18
CA ARG A 258 0.09 3.60 -17.66
C ARG A 258 -0.04 2.89 -19.00
N ARG A 259 0.99 3.03 -19.85
CA ARG A 259 1.27 2.12 -20.95
C ARG A 259 2.78 1.99 -21.10
N THR A 260 3.26 0.77 -21.40
CA THR A 260 4.69 0.53 -21.52
C THR A 260 5.17 0.97 -22.90
N SER B 1 15.17 4.34 2.16
CA SER B 1 14.82 5.25 3.30
C SER B 1 13.46 4.91 3.89
N LYS B 2 12.55 4.32 3.11
CA LYS B 2 11.30 3.85 3.69
C LYS B 2 10.85 2.55 3.02
N TYR B 3 10.61 1.51 3.82
CA TYR B 3 10.23 0.20 3.30
C TYR B 3 8.81 -0.16 3.73
N GLN B 4 8.04 -0.70 2.77
CA GLN B 4 6.70 -1.20 3.02
C GLN B 4 6.76 -2.71 3.22
N VAL B 5 6.21 -3.20 4.34
CA VAL B 5 6.29 -4.61 4.72
C VAL B 5 4.88 -5.12 5.06
N LEU B 6 4.47 -6.25 4.44
CA LEU B 6 3.27 -6.99 4.83
C LEU B 6 3.64 -8.20 5.68
N THR B 7 2.93 -8.40 6.82
CA THR B 7 3.01 -9.62 7.60
C THR B 7 1.77 -10.47 7.31
N VAL B 8 2.01 -11.75 6.96
CA VAL B 8 0.94 -12.67 6.55
C VAL B 8 1.21 -14.09 7.06
N GLY B 9 0.16 -14.76 7.55
CA GLY B 9 0.30 -16.12 8.07
C GLY B 9 -1.08 -16.69 8.38
N ASN B 10 -1.11 -17.95 8.84
CA ASN B 10 -2.35 -18.54 9.33
C ASN B 10 -2.72 -17.88 10.65
N PRO B 11 -3.99 -17.98 11.10
CA PRO B 11 -4.33 -17.65 12.47
C PRO B 11 -3.42 -18.29 13.50
N ASN B 12 -3.12 -17.52 14.54
CA ASN B 12 -2.29 -17.94 15.65
C ASN B 12 -0.98 -18.54 15.16
N SER B 13 -0.46 -18.04 14.02
CA SER B 13 0.88 -18.44 13.59
C SER B 13 1.95 -17.67 14.35
N GLY B 14 1.58 -16.51 14.91
CA GLY B 14 2.50 -15.60 15.56
C GLY B 14 2.92 -14.43 14.68
N LYS B 15 2.32 -14.31 13.49
CA LYS B 15 2.57 -13.15 12.65
C LYS B 15 2.19 -11.85 13.36
N THR B 16 1.17 -11.89 14.24
CA THR B 16 0.71 -10.68 14.92
C THR B 16 1.66 -10.33 16.04
N THR B 17 2.06 -11.37 16.76
CA THR B 17 3.05 -11.31 17.81
C THR B 17 4.35 -10.71 17.29
N LEU B 18 4.72 -11.03 16.04
CA LEU B 18 5.95 -10.50 15.48
C LEU B 18 5.74 -9.04 15.08
N PHE B 19 4.63 -8.77 14.38
CA PHE B 19 4.24 -7.39 14.07
C PHE B 19 4.29 -6.54 15.33
N ASN B 20 3.65 -7.01 16.42
CA ASN B 20 3.61 -6.25 17.68
C ASN B 20 5.02 -6.01 18.19
N GLY B 21 5.88 -7.03 18.23
CA GLY B 21 7.22 -6.83 18.77
C GLY B 21 8.08 -5.91 17.92
N LEU B 22 7.78 -5.85 16.62
CA LEU B 22 8.51 -4.99 15.70
C LEU B 22 8.03 -3.53 15.84
N THR B 23 6.71 -3.34 15.98
CA THR B 23 6.11 -2.02 15.84
C THR B 23 6.00 -1.35 17.20
N GLY B 24 5.50 -2.12 18.20
CA GLY B 24 5.12 -1.59 19.50
C GLY B 24 3.66 -1.13 19.50
N ALA B 25 2.92 -1.54 18.47
CA ALA B 25 1.54 -1.13 18.24
C ALA B 25 0.80 -0.99 19.58
N LYS B 39 -4.64 -2.12 16.43
CA LYS B 39 -4.11 -1.50 15.17
C LYS B 39 -3.34 -2.55 14.37
N LYS B 40 -3.68 -2.66 13.07
CA LYS B 40 -3.10 -3.64 12.15
C LYS B 40 -2.05 -3.00 11.23
N THR B 41 -1.72 -1.71 11.51
CA THR B 41 -0.65 -1.00 10.84
C THR B 41 0.23 -0.31 11.89
N GLY B 42 1.49 -0.11 11.52
CA GLY B 42 2.44 0.51 12.41
C GLY B 42 3.81 0.55 11.76
N SER B 43 4.79 1.10 12.47
CA SER B 43 6.09 1.38 11.89
C SER B 43 7.16 1.35 12.97
N PHE B 44 8.40 1.40 12.50
CA PHE B 44 9.57 1.52 13.32
C PHE B 44 10.72 2.00 12.43
N VAL B 45 11.77 2.47 13.08
CA VAL B 45 12.94 3.01 12.43
C VAL B 45 14.11 2.15 12.85
N HIS B 46 15.02 1.89 11.91
CA HIS B 46 16.24 1.15 12.20
C HIS B 46 17.31 1.64 11.23
N ALA B 47 18.48 1.99 11.79
CA ALA B 47 19.61 2.48 11.02
C ALA B 47 19.19 3.59 10.04
N GLY B 48 18.38 4.55 10.51
CA GLY B 48 18.08 5.71 9.70
C GLY B 48 16.97 5.50 8.70
N ASP B 49 16.57 4.23 8.42
CA ASP B 49 15.45 3.98 7.53
C ASP B 49 14.18 3.66 8.31
N GLU B 50 13.06 3.80 7.62
CA GLU B 50 11.73 3.71 8.21
C GLU B 50 10.97 2.57 7.54
N PHE B 51 10.30 1.77 8.36
CA PHE B 51 9.58 0.59 7.95
C PHE B 51 8.11 0.78 8.28
N SER B 52 7.24 0.64 7.28
CA SER B 52 5.82 0.68 7.47
C SER B 52 5.27 -0.74 7.37
N LEU B 53 4.60 -1.20 8.44
CA LEU B 53 4.07 -2.56 8.51
C LEU B 53 2.55 -2.63 8.54
N THR B 54 2.04 -3.68 7.89
CA THR B 54 0.63 -4.05 7.84
C THR B 54 0.47 -5.52 8.19
N ASP B 55 -0.40 -5.78 9.18
CA ASP B 55 -0.69 -7.11 9.69
C ASP B 55 -1.97 -7.61 9.03
N LEU B 56 -1.83 -8.51 8.07
CA LEU B 56 -2.98 -8.98 7.32
C LEU B 56 -3.71 -10.01 8.18
N PRO B 57 -5.04 -10.11 8.06
CA PRO B 57 -5.79 -11.13 8.80
C PRO B 57 -5.22 -12.51 8.52
N GLY B 58 -5.36 -13.38 9.52
CA GLY B 58 -4.83 -14.73 9.47
C GLY B 58 -5.66 -15.59 8.53
N ILE B 59 -5.03 -16.22 7.55
CA ILE B 59 -5.78 -17.05 6.62
C ILE B 59 -4.96 -18.29 6.24
N TYR B 60 -5.65 -19.28 5.69
CA TYR B 60 -5.03 -20.54 5.31
C TYR B 60 -4.69 -20.60 3.83
N ALA B 61 -5.28 -19.70 3.05
CA ALA B 61 -5.07 -19.68 1.61
C ALA B 61 -5.52 -18.31 1.07
N LEU B 62 -5.01 -17.95 -0.11
CA LEU B 62 -5.34 -16.67 -0.71
C LEU B 62 -6.61 -16.72 -1.54
N ASP B 63 -7.74 -16.95 -0.90
CA ASP B 63 -9.03 -16.90 -1.59
C ASP B 63 -9.59 -15.47 -1.56
N SER B 64 -10.67 -15.26 -2.29
CA SER B 64 -11.40 -14.01 -2.20
C SER B 64 -12.82 -14.34 -1.75
N GLY B 65 -13.65 -14.84 -2.67
CA GLY B 65 -15.01 -15.22 -2.31
C GLY B 65 -15.79 -14.34 -1.33
N ASN B 66 -15.73 -13.04 -1.59
CA ASN B 66 -16.38 -12.03 -0.78
C ASN B 66 -17.85 -12.37 -0.53
N ASP B 67 -18.43 -13.14 -1.47
CA ASP B 67 -19.79 -13.65 -1.36
C ASP B 67 -20.31 -14.10 0.02
N SER B 68 -19.46 -14.85 0.75
CA SER B 68 -19.71 -15.27 2.11
C SER B 68 -18.89 -14.39 3.04
N ASN B 69 -19.26 -14.37 4.33
CA ASN B 69 -18.38 -13.75 5.29
C ASN B 69 -17.30 -14.80 5.00
N SER B 70 -16.26 -14.36 4.29
CA SER B 70 -14.95 -15.01 4.20
C SER B 70 -14.06 -13.83 3.85
N ILE B 71 -14.50 -12.68 4.33
CA ILE B 71 -13.91 -11.40 4.00
C ILE B 71 -12.42 -11.28 4.33
N ASP B 72 -11.95 -12.09 5.28
CA ASP B 72 -10.59 -11.97 5.77
C ASP B 72 -9.62 -12.38 4.67
N GLU B 73 -9.97 -13.50 4.02
CA GLU B 73 -9.30 -13.98 2.82
C GLU B 73 -9.32 -12.85 1.80
N SER B 74 -10.50 -12.26 1.55
CA SER B 74 -10.67 -11.25 0.52
C SER B 74 -9.71 -10.10 0.77
N ILE B 75 -9.64 -9.65 2.02
CA ILE B 75 -8.83 -8.51 2.40
C ILE B 75 -7.38 -8.85 2.21
N ALA B 76 -6.94 -9.98 2.78
CA ALA B 76 -5.56 -10.40 2.68
C ALA B 76 -5.16 -10.62 1.21
N SER B 77 -6.04 -11.23 0.42
CA SER B 77 -5.74 -11.51 -0.98
C SER B 77 -5.61 -10.21 -1.76
N ARG B 78 -6.55 -9.27 -1.57
CA ARG B 78 -6.46 -7.96 -2.20
C ARG B 78 -5.11 -7.36 -1.87
N ALA B 79 -4.76 -7.39 -0.59
CA ALA B 79 -3.57 -6.72 -0.10
C ALA B 79 -2.32 -7.26 -0.79
N VAL B 80 -2.18 -8.60 -0.89
CA VAL B 80 -0.95 -9.18 -1.41
C VAL B 80 -0.89 -8.98 -2.90
N LEU B 81 -2.05 -8.70 -3.50
CA LEU B 81 -2.09 -8.46 -4.94
C LEU B 81 -1.89 -6.98 -5.29
N THR B 82 -2.29 -6.04 -4.38
CA THR B 82 -2.40 -4.63 -4.72
C THR B 82 -1.44 -3.75 -3.92
N HIS B 83 -1.24 -4.02 -2.63
CA HIS B 83 -0.45 -3.10 -1.83
C HIS B 83 0.97 -3.08 -2.36
N PRO B 84 1.63 -1.90 -2.35
CA PRO B 84 3.08 -1.83 -2.45
C PRO B 84 3.69 -2.65 -1.32
N ALA B 85 4.72 -3.42 -1.67
CA ALA B 85 5.38 -4.29 -0.71
C ALA B 85 6.83 -4.42 -1.10
N ASP B 86 7.73 -3.96 -0.23
CA ASP B 86 9.14 -4.20 -0.45
C ASP B 86 9.49 -5.63 -0.04
N VAL B 87 8.70 -6.18 0.88
CA VAL B 87 8.86 -7.55 1.32
C VAL B 87 7.57 -8.02 2.00
N ILE B 88 7.17 -9.24 1.68
CA ILE B 88 6.18 -9.98 2.45
C ILE B 88 6.91 -10.91 3.42
N ILE B 89 6.63 -10.72 4.73
CA ILE B 89 7.10 -11.60 5.80
C ILE B 89 6.02 -12.63 6.07
N ASN B 90 6.30 -13.89 5.71
CA ASN B 90 5.35 -14.98 5.85
C ASN B 90 5.74 -15.76 7.08
N VAL B 91 4.90 -15.68 8.12
CA VAL B 91 5.19 -16.28 9.40
C VAL B 91 4.50 -17.63 9.40
N VAL B 92 5.29 -18.68 9.63
CA VAL B 92 4.84 -20.05 9.44
C VAL B 92 4.98 -20.75 10.79
N ASP B 93 3.89 -21.41 11.22
CA ASP B 93 3.88 -22.18 12.45
C ASP B 93 4.58 -23.53 12.16
N ALA B 94 5.75 -23.70 12.78
CA ALA B 94 6.56 -24.89 12.62
C ALA B 94 5.82 -26.14 13.12
N THR B 95 4.77 -25.97 13.96
CA THR B 95 4.06 -27.08 14.58
C THR B 95 2.97 -27.65 13.66
N CYS B 96 2.64 -26.93 12.59
CA CYS B 96 1.69 -27.40 11.61
CA CYS B 96 1.67 -27.39 11.62
C CYS B 96 2.18 -26.95 10.23
N LEU B 97 3.35 -27.46 9.87
CA LEU B 97 4.07 -27.08 8.67
C LEU B 97 3.25 -27.32 7.40
N GLU B 98 2.69 -28.52 7.22
CA GLU B 98 1.95 -28.86 6.01
C GLU B 98 0.82 -27.87 5.79
N ARG B 99 0.13 -27.50 6.86
CA ARG B 99 -1.02 -26.62 6.76
C ARG B 99 -0.52 -25.21 6.47
N SER B 100 0.53 -24.78 7.19
CA SER B 100 1.07 -23.43 7.10
C SER B 100 1.72 -23.15 5.75
N LEU B 101 2.36 -24.18 5.16
CA LEU B 101 3.17 -23.97 3.98
C LEU B 101 2.32 -23.88 2.73
N TYR B 102 1.02 -24.19 2.84
CA TYR B 102 0.14 -24.13 1.70
C TYR B 102 0.06 -22.69 1.17
N MET B 103 -0.15 -21.74 2.09
CA MET B 103 -0.27 -20.35 1.67
C MET B 103 1.09 -19.83 1.20
N THR B 104 2.16 -20.36 1.79
CA THR B 104 3.51 -20.02 1.36
C THR B 104 3.74 -20.33 -0.12
N LEU B 105 3.27 -21.50 -0.62
CA LEU B 105 3.39 -21.86 -2.05
C LEU B 105 2.66 -20.84 -2.93
N GLN B 106 1.50 -20.39 -2.46
CA GLN B 106 0.70 -19.41 -3.18
C GLN B 106 1.47 -18.10 -3.24
N LEU B 107 2.02 -17.68 -2.11
CA LEU B 107 2.81 -16.46 -2.06
C LEU B 107 4.03 -16.58 -2.97
N ARG B 108 4.72 -17.71 -2.95
CA ARG B 108 5.90 -17.91 -3.78
C ARG B 108 5.56 -17.84 -5.27
N GLU B 109 4.34 -18.28 -5.60
CA GLU B 109 3.91 -18.25 -7.00
C GLU B 109 3.72 -16.81 -7.48
N LEU B 110 3.31 -15.88 -6.59
CA LEU B 110 3.16 -14.46 -6.95
C LEU B 110 4.48 -13.85 -7.44
N ARG B 111 5.61 -14.34 -6.90
CA ARG B 111 6.96 -13.88 -7.20
C ARG B 111 7.20 -12.46 -6.68
N ARG B 112 6.53 -12.07 -5.59
CA ARG B 112 6.84 -10.82 -4.91
C ARG B 112 7.96 -11.06 -3.91
N PRO B 113 8.83 -10.09 -3.60
CA PRO B 113 9.84 -10.31 -2.58
C PRO B 113 9.23 -10.81 -1.27
N MET B 114 9.80 -11.89 -0.73
CA MET B 114 9.29 -12.45 0.52
C MET B 114 10.37 -13.23 1.26
N ILE B 115 10.13 -13.30 2.57
CA ILE B 115 10.91 -14.03 3.57
C ILE B 115 9.98 -15.05 4.22
N VAL B 116 10.53 -16.20 4.63
CA VAL B 116 9.79 -17.15 5.45
C VAL B 116 10.43 -17.19 6.85
N VAL B 117 9.58 -16.92 7.84
CA VAL B 117 9.99 -16.94 9.23
C VAL B 117 9.31 -18.13 9.90
N LEU B 118 10.12 -19.06 10.39
CA LEU B 118 9.64 -20.19 11.17
C LEU B 118 9.55 -19.82 12.63
N ASN B 119 8.32 -19.82 13.16
CA ASN B 119 8.02 -19.48 14.54
C ASN B 119 7.54 -20.73 15.25
N LYS B 120 7.64 -20.73 16.59
CA LYS B 120 7.15 -21.81 17.45
C LYS B 120 8.05 -23.04 17.35
N MET B 121 9.34 -22.82 17.09
CA MET B 121 10.23 -23.93 16.79
C MET B 121 10.60 -24.69 18.06
N ASP B 122 10.50 -24.00 19.19
CA ASP B 122 10.79 -24.61 20.48
C ASP B 122 9.67 -25.60 20.81
N ALA B 123 8.44 -25.22 20.49
CA ALA B 123 7.29 -26.06 20.76
C ALA B 123 7.49 -27.44 20.12
N LEU B 124 8.26 -27.49 19.02
CA LEU B 124 8.41 -28.68 18.18
C LEU B 124 9.63 -29.51 18.58
N LYS B 125 10.60 -28.89 19.26
CA LYS B 125 11.86 -29.53 19.58
C LYS B 125 11.74 -30.26 20.92
N ARG B 126 10.62 -30.01 21.61
CA ARG B 126 10.24 -30.84 22.75
C ARG B 126 10.05 -32.28 22.26
N GLU B 127 9.79 -32.43 20.96
CA GLU B 127 9.34 -33.67 20.37
C GLU B 127 10.49 -34.45 19.70
N ARG B 128 11.74 -33.98 19.83
CA ARG B 128 12.87 -34.62 19.17
C ARG B 128 12.65 -34.61 17.66
N VAL B 129 12.29 -33.42 17.18
CA VAL B 129 12.09 -33.15 15.78
C VAL B 129 13.03 -32.00 15.40
N HIS B 130 13.66 -32.16 14.23
CA HIS B 130 14.66 -31.24 13.76
C HIS B 130 14.14 -30.63 12.46
N LEU B 131 14.28 -29.31 12.31
CA LEU B 131 13.89 -28.67 11.07
C LEU B 131 15.10 -28.13 10.32
N ASP B 132 15.21 -28.56 9.06
CA ASP B 132 16.36 -28.27 8.21
C ASP B 132 16.01 -27.07 7.34
N LEU B 133 16.32 -25.89 7.87
CA LEU B 133 16.03 -24.60 7.23
C LEU B 133 16.80 -24.46 5.91
N LYS B 134 17.99 -25.07 5.81
CA LYS B 134 18.74 -25.13 4.57
C LYS B 134 17.91 -25.80 3.48
N GLN B 135 17.43 -27.02 3.73
CA GLN B 135 16.64 -27.73 2.74
C GLN B 135 15.34 -26.97 2.44
N LEU B 136 14.74 -26.34 3.45
CA LEU B 136 13.51 -25.60 3.23
C LEU B 136 13.72 -24.41 2.29
N GLU B 137 14.81 -23.69 2.50
CA GLU B 137 15.19 -22.61 1.60
C GLU B 137 15.46 -23.16 0.20
N ALA B 138 16.10 -24.33 0.10
CA ALA B 138 16.33 -24.92 -1.21
C ALA B 138 15.01 -25.24 -1.91
N PHE B 139 14.04 -25.87 -1.26
CA PHE B 139 12.77 -26.09 -1.95
C PHE B 139 12.10 -24.77 -2.34
N LEU B 140 12.08 -23.82 -1.40
CA LEU B 140 11.18 -22.69 -1.51
C LEU B 140 11.74 -21.59 -2.39
N GLY B 141 13.06 -21.37 -2.34
CA GLY B 141 13.69 -20.40 -3.20
C GLY B 141 13.60 -18.97 -2.69
N CYS B 142 13.26 -18.81 -1.40
CA CYS B 142 13.35 -17.51 -0.75
C CYS B 142 14.08 -17.68 0.57
N PRO B 143 14.56 -16.60 1.21
CA PRO B 143 15.18 -16.69 2.53
C PRO B 143 14.23 -17.26 3.57
N VAL B 144 14.76 -18.14 4.41
CA VAL B 144 14.02 -18.75 5.50
C VAL B 144 14.77 -18.44 6.80
N LEU B 145 14.03 -18.06 7.87
CA LEU B 145 14.59 -17.71 9.17
C LEU B 145 13.74 -18.32 10.27
N ALA B 146 14.37 -18.69 11.39
CA ALA B 146 13.65 -19.20 12.55
C ALA B 146 13.74 -18.16 13.66
N LEU B 147 12.64 -17.97 14.40
CA LEU B 147 12.70 -17.27 15.68
C LEU B 147 11.40 -17.51 16.44
N SER B 148 11.46 -17.49 17.78
CA SER B 148 10.31 -17.26 18.63
C SER B 148 9.90 -15.79 18.53
N ALA B 149 8.70 -15.58 18.02
CA ALA B 149 8.17 -14.25 17.82
C ALA B 149 7.86 -13.66 19.19
N ASN B 150 7.93 -14.48 20.24
CA ASN B 150 7.76 -14.06 21.62
C ASN B 150 9.08 -13.74 22.31
N ASN B 151 10.22 -14.06 21.67
CA ASN B 151 11.52 -13.67 22.18
C ASN B 151 11.91 -12.32 21.58
N LYS B 152 11.85 -11.26 22.39
CA LYS B 152 12.06 -9.92 21.89
C LYS B 152 13.49 -9.69 21.43
N GLU B 153 14.47 -10.40 22.02
CA GLU B 153 15.87 -10.26 21.64
C GLU B 153 16.09 -10.83 20.24
N GLN B 154 15.42 -11.94 19.94
CA GLN B 154 15.45 -12.51 18.61
C GLN B 154 14.77 -11.56 17.63
N VAL B 155 13.61 -11.02 18.04
CA VAL B 155 12.88 -10.04 17.25
C VAL B 155 13.75 -8.81 16.96
N ARG B 156 14.56 -8.37 17.93
CA ARG B 156 15.50 -7.29 17.73
C ARG B 156 16.57 -7.70 16.70
N ARG B 157 17.13 -8.90 16.83
CA ARG B 157 18.14 -9.41 15.91
CA ARG B 157 18.16 -9.35 15.90
C ARG B 157 17.55 -9.44 14.50
N PHE B 158 16.30 -9.88 14.41
CA PHE B 158 15.58 -9.98 13.16
C PHE B 158 15.53 -8.65 12.39
N LYS B 159 15.22 -7.54 13.10
CA LYS B 159 15.26 -6.22 12.50
C LYS B 159 16.57 -6.01 11.73
N GLU B 160 17.70 -6.26 12.40
CA GLU B 160 18.98 -6.06 11.73
C GLU B 160 18.96 -6.86 10.43
N LYS B 161 18.60 -8.15 10.53
CA LYS B 161 18.65 -9.05 9.39
C LYS B 161 17.67 -8.57 8.32
N LEU B 162 16.42 -8.27 8.70
CA LEU B 162 15.46 -7.70 7.77
C LEU B 162 16.02 -6.49 7.03
N HIS B 163 16.62 -5.53 7.77
CA HIS B 163 17.16 -4.34 7.11
C HIS B 163 18.18 -4.74 6.06
N LYS B 164 19.06 -5.69 6.40
CA LYS B 164 20.11 -6.13 5.48
C LYS B 164 19.51 -6.74 4.21
N LEU B 165 18.51 -7.61 4.40
CA LEU B 165 17.87 -8.21 3.25
C LEU B 165 17.29 -7.14 2.33
N LEU B 166 16.68 -6.10 2.89
CA LEU B 166 16.08 -5.05 2.07
C LEU B 166 17.18 -4.25 1.36
N VAL B 167 18.20 -3.85 2.11
CA VAL B 167 19.28 -3.10 1.50
C VAL B 167 19.84 -3.92 0.33
N GLN B 168 20.22 -5.18 0.57
CA GLN B 168 20.85 -5.99 -0.47
C GLN B 168 19.86 -6.48 -1.53
N GLY B 169 18.59 -6.63 -1.15
CA GLY B 169 17.59 -7.16 -2.06
C GLY B 169 17.49 -8.67 -1.94
N ILE B 170 16.28 -9.20 -2.17
CA ILE B 170 15.96 -10.58 -1.87
C ILE B 170 16.11 -11.42 -3.14
N ALA B 171 17.09 -12.34 -3.09
CA ALA B 171 17.36 -13.30 -4.14
C ALA B 171 16.29 -14.38 -4.11
N LEU B 172 15.57 -14.51 -5.22
CA LEU B 172 14.44 -15.43 -5.36
C LEU B 172 14.81 -16.51 -6.38
N LYS B 173 14.29 -17.70 -6.16
CA LYS B 173 14.60 -18.82 -7.01
C LYS B 173 13.28 -19.52 -7.31
N GLN B 174 12.85 -19.49 -8.57
CA GLN B 174 11.53 -20.00 -8.89
C GLN B 174 11.35 -21.37 -8.25
N ILE B 175 10.20 -21.52 -7.56
CA ILE B 175 9.74 -22.76 -6.99
C ILE B 175 9.33 -23.71 -8.11
N GLU B 176 9.85 -24.96 -8.05
CA GLU B 176 9.75 -25.94 -9.11
C GLU B 176 8.56 -26.87 -8.87
N LEU B 177 7.38 -26.39 -9.29
CA LEU B 177 6.11 -27.05 -9.06
C LEU B 177 5.32 -27.03 -10.38
N HIS B 178 4.95 -28.22 -10.89
CA HIS B 178 4.21 -28.28 -12.14
C HIS B 178 2.82 -28.87 -11.91
N TYR B 179 1.83 -28.42 -12.68
CA TYR B 179 0.46 -28.87 -12.53
C TYR B 179 0.07 -29.92 -13.57
N GLY B 180 1.02 -30.40 -14.38
CA GLY B 180 0.73 -31.35 -15.45
C GLY B 180 0.47 -30.66 -16.79
N ALA B 181 0.65 -31.39 -17.89
CA ALA B 181 0.73 -30.78 -19.22
C ALA B 181 -0.52 -29.98 -19.56
N GLU B 182 -1.71 -30.54 -19.32
CA GLU B 182 -2.93 -29.89 -19.76
C GLU B 182 -3.04 -28.53 -19.07
N PHE B 183 -2.94 -28.52 -17.74
CA PHE B 183 -3.13 -27.29 -16.99
C PHE B 183 -1.99 -26.31 -17.24
N GLU B 184 -0.76 -26.83 -17.36
CA GLU B 184 0.39 -25.98 -17.64
C GLU B 184 0.20 -25.28 -18.99
N SER B 185 -0.30 -26.03 -19.97
CA SER B 185 -0.60 -25.51 -21.29
C SER B 185 -1.66 -24.40 -21.20
N LEU B 186 -2.62 -24.52 -20.26
CA LEU B 186 -3.66 -23.51 -20.12
C LEU B 186 -3.13 -22.25 -19.46
N ILE B 187 -2.23 -22.40 -18.48
CA ILE B 187 -1.59 -21.26 -17.83
C ILE B 187 -0.82 -20.44 -18.87
N HIS B 188 -0.15 -21.13 -19.79
CA HIS B 188 0.69 -20.49 -20.78
C HIS B 188 -0.17 -19.70 -21.78
N GLU B 189 -1.40 -20.18 -22.03
CA GLU B 189 -2.32 -19.49 -22.94
C GLU B 189 -2.70 -18.12 -22.41
N LEU B 190 -2.92 -18.07 -21.09
CA LEU B 190 -3.47 -16.89 -20.44
C LEU B 190 -2.36 -15.95 -19.95
N GLU B 191 -1.10 -16.39 -19.92
CA GLU B 191 -0.04 -15.58 -19.33
C GLU B 191 0.08 -14.23 -20.05
N PRO B 192 -0.12 -14.14 -21.37
CA PRO B 192 -0.01 -12.86 -22.07
C PRO B 192 -0.88 -11.74 -21.52
N MET B 193 -2.12 -12.02 -21.11
CA MET B 193 -3.03 -10.97 -20.75
C MET B 193 -2.76 -10.43 -19.34
N PHE B 194 -1.80 -11.03 -18.62
CA PHE B 194 -1.44 -10.64 -17.26
C PHE B 194 0.02 -10.24 -17.15
N ALA B 195 0.65 -9.89 -18.27
CA ALA B 195 2.04 -9.47 -18.23
C ALA B 195 2.12 -8.07 -17.65
N GLU B 196 3.22 -7.76 -16.96
CA GLU B 196 3.54 -6.41 -16.52
C GLU B 196 2.45 -6.09 -15.50
N GLN B 197 2.28 -6.91 -14.48
CA GLN B 197 1.58 -6.58 -13.24
C GLN B 197 2.42 -6.70 -11.96
N ALA B 198 1.84 -6.33 -10.82
CA ALA B 198 2.60 -6.33 -9.59
C ALA B 198 3.15 -7.74 -9.34
N VAL B 199 2.36 -8.76 -9.73
CA VAL B 199 2.69 -10.14 -9.51
C VAL B 199 2.79 -10.86 -10.86
N SER B 200 3.38 -12.07 -10.83
CA SER B 200 3.67 -12.82 -12.04
C SER B 200 2.38 -13.15 -12.75
N ALA B 201 2.46 -13.13 -14.08
CA ALA B 201 1.39 -13.55 -14.95
C ALA B 201 0.98 -14.99 -14.65
N ARG B 202 1.94 -15.82 -14.24
CA ARG B 202 1.65 -17.21 -13.94
C ARG B 202 0.60 -17.31 -12.83
N ALA B 203 0.84 -16.61 -11.70
CA ALA B 203 -0.08 -16.66 -10.58
C ALA B 203 -1.46 -16.16 -10.94
N LEU B 204 -1.54 -15.06 -11.70
CA LEU B 204 -2.83 -14.49 -12.04
C LEU B 204 -3.56 -15.40 -13.02
N ALA B 205 -2.81 -16.05 -13.93
CA ALA B 205 -3.38 -17.05 -14.83
C ALA B 205 -4.00 -18.22 -14.05
N ILE B 206 -3.30 -18.66 -12.99
CA ILE B 206 -3.81 -19.73 -12.16
C ILE B 206 -5.10 -19.27 -11.49
N ARG B 207 -5.12 -18.03 -10.91
CA ARG B 207 -6.31 -17.57 -10.22
C ARG B 207 -7.45 -17.29 -11.20
N ALA B 208 -7.11 -16.89 -12.42
CA ALA B 208 -8.12 -16.79 -13.46
C ALA B 208 -8.76 -18.17 -13.67
N LEU B 209 -7.91 -19.19 -13.83
CA LEU B 209 -8.43 -20.53 -14.07
C LEU B 209 -9.23 -21.07 -12.88
N GLU B 210 -8.90 -20.65 -11.65
CA GLU B 210 -9.66 -21.07 -10.47
C GLU B 210 -10.92 -20.22 -10.29
N ASN B 211 -11.17 -19.29 -11.21
CA ASN B 211 -12.38 -18.46 -11.23
C ASN B 211 -12.38 -17.52 -10.02
N ASP B 212 -11.19 -17.02 -9.69
CA ASP B 212 -11.06 -16.10 -8.58
C ASP B 212 -11.83 -14.80 -8.83
N ARG B 213 -12.68 -14.45 -7.85
CA ARG B 213 -13.55 -13.29 -7.85
C ARG B 213 -12.80 -12.01 -8.20
N LEU B 214 -11.71 -11.73 -7.47
CA LEU B 214 -10.98 -10.48 -7.62
C LEU B 214 -10.47 -10.37 -9.04
N VAL B 215 -9.73 -11.37 -9.51
CA VAL B 215 -9.05 -11.34 -10.79
C VAL B 215 -10.06 -11.34 -11.94
N ILE B 216 -11.05 -12.23 -11.87
CA ILE B 216 -12.15 -12.29 -12.84
C ILE B 216 -12.86 -10.94 -12.92
N ASN B 217 -13.13 -10.28 -11.78
CA ASN B 217 -13.93 -9.06 -11.78
C ASN B 217 -13.13 -7.84 -12.24
N GLY B 218 -11.79 -7.94 -12.29
CA GLY B 218 -10.96 -6.99 -13.00
C GLY B 218 -10.82 -7.34 -14.50
N LEU B 219 -11.38 -8.46 -14.96
CA LEU B 219 -11.35 -8.77 -16.39
C LEU B 219 -12.54 -8.12 -17.09
N LYS B 220 -12.24 -7.41 -18.20
CA LYS B 220 -13.24 -6.92 -19.12
C LYS B 220 -13.79 -8.10 -19.91
N GLU B 221 -14.75 -7.84 -20.80
CA GLU B 221 -15.67 -8.88 -21.25
C GLU B 221 -14.95 -9.94 -22.09
N ALA B 222 -14.18 -9.54 -23.11
CA ALA B 222 -13.53 -10.47 -24.04
C ALA B 222 -12.63 -11.46 -23.30
N GLU B 223 -11.93 -10.93 -22.30
CA GLU B 223 -10.96 -11.65 -21.49
C GLU B 223 -11.67 -12.65 -20.57
N ARG B 224 -12.77 -12.21 -19.93
CA ARG B 224 -13.57 -13.07 -19.06
C ARG B 224 -14.10 -14.28 -19.82
N GLN B 225 -14.48 -14.06 -21.09
CA GLN B 225 -15.08 -15.13 -21.88
C GLN B 225 -14.00 -16.14 -22.27
N ASN B 226 -12.80 -15.65 -22.58
CA ASN B 226 -11.71 -16.53 -22.96
C ASN B 226 -11.38 -17.46 -21.79
N VAL B 227 -11.21 -16.88 -20.60
CA VAL B 227 -10.91 -17.65 -19.41
C VAL B 227 -11.99 -18.69 -19.14
N GLU B 228 -13.26 -18.27 -19.18
CA GLU B 228 -14.37 -19.15 -18.86
C GLU B 228 -14.50 -20.27 -19.88
N GLN B 229 -14.04 -20.01 -21.11
CA GLN B 229 -14.08 -21.02 -22.17
C GLN B 229 -13.00 -22.05 -21.86
N ARG B 230 -11.78 -21.55 -21.56
CA ARG B 230 -10.66 -22.37 -21.14
C ARG B 230 -11.07 -23.21 -19.93
N GLN B 231 -11.76 -22.60 -18.97
CA GLN B 231 -12.20 -23.33 -17.80
C GLN B 231 -13.10 -24.49 -18.21
N HIS B 232 -14.09 -24.21 -19.07
CA HIS B 232 -15.05 -25.21 -19.51
C HIS B 232 -14.34 -26.32 -20.31
N GLU B 233 -13.38 -25.93 -21.16
CA GLU B 233 -12.69 -26.83 -22.08
C GLU B 233 -11.79 -27.83 -21.34
N CYS B 234 -11.20 -27.40 -20.22
CA CYS B 234 -10.23 -28.17 -19.44
C CYS B 234 -10.84 -29.48 -18.95
N GLN B 235 -10.15 -30.61 -19.22
CA GLN B 235 -10.66 -31.94 -18.90
C GLN B 235 -10.38 -32.29 -17.44
N VAL B 236 -9.22 -31.89 -16.94
CA VAL B 236 -8.87 -32.13 -15.55
C VAL B 236 -9.75 -31.21 -14.71
N ASP B 237 -10.11 -31.67 -13.50
CA ASP B 237 -10.84 -30.88 -12.53
C ASP B 237 -9.85 -29.94 -11.86
N ILE B 238 -10.05 -28.63 -12.06
CA ILE B 238 -9.04 -27.60 -11.80
C ILE B 238 -8.80 -27.47 -10.31
N ASP B 239 -9.88 -27.45 -9.54
CA ASP B 239 -9.78 -27.25 -8.10
C ASP B 239 -9.14 -28.43 -7.40
N LEU B 240 -9.50 -29.65 -7.81
CA LEU B 240 -8.88 -30.84 -7.21
C LEU B 240 -7.40 -30.90 -7.53
N LEU B 241 -7.05 -30.63 -8.80
CA LEU B 241 -5.69 -30.70 -9.30
C LEU B 241 -4.77 -29.72 -8.57
N VAL B 242 -5.17 -28.43 -8.53
CA VAL B 242 -4.41 -27.39 -7.85
C VAL B 242 -4.15 -27.81 -6.39
N ALA B 243 -5.21 -28.19 -5.67
CA ALA B 243 -5.03 -28.60 -4.30
C ALA B 243 -4.11 -29.82 -4.27
N ASN B 244 -4.49 -30.90 -4.98
CA ASN B 244 -3.76 -32.17 -4.96
C ASN B 244 -2.26 -32.00 -5.22
N VAL B 245 -1.92 -31.19 -6.23
CA VAL B 245 -0.53 -31.03 -6.60
C VAL B 245 0.23 -30.31 -5.49
N ARG B 246 -0.42 -29.33 -4.85
CA ARG B 246 0.25 -28.60 -3.79
C ARG B 246 0.44 -29.49 -2.56
N TYR B 247 -0.57 -30.33 -2.30
CA TYR B 247 -0.54 -31.23 -1.17
C TYR B 247 0.57 -32.26 -1.33
N THR B 248 0.80 -32.68 -2.57
CA THR B 248 1.77 -33.72 -2.87
C THR B 248 3.18 -33.18 -2.64
N TYR B 249 3.39 -31.96 -3.16
CA TYR B 249 4.64 -31.23 -2.99
C TYR B 249 4.94 -30.98 -1.50
N LEU B 250 3.93 -30.59 -0.72
CA LEU B 250 4.17 -30.30 0.69
C LEU B 250 4.46 -31.57 1.46
N HIS B 251 3.83 -32.68 1.09
CA HIS B 251 4.13 -33.93 1.76
C HIS B 251 5.61 -34.28 1.53
N GLU B 252 6.07 -34.25 0.28
CA GLU B 252 7.48 -34.46 -0.07
C GLU B 252 8.39 -33.49 0.69
N LEU B 253 8.07 -32.20 0.65
CA LEU B 253 8.84 -31.18 1.34
C LEU B 253 8.91 -31.47 2.84
N CYS B 254 7.78 -31.72 3.50
CA CYS B 254 7.83 -31.85 4.96
C CYS B 254 8.62 -33.09 5.38
N THR B 255 8.67 -34.12 4.54
CA THR B 255 9.33 -35.36 4.92
C THR B 255 10.85 -35.16 4.93
N HIS B 256 11.31 -34.20 4.12
CA HIS B 256 12.73 -33.92 3.95
C HIS B 256 13.18 -32.83 4.91
N VAL B 257 12.35 -31.81 5.16
CA VAL B 257 12.81 -30.72 6.01
C VAL B 257 12.54 -31.08 7.49
N ARG B 258 11.42 -31.75 7.77
CA ARG B 258 11.07 -32.09 9.14
C ARG B 258 11.55 -33.51 9.44
N ARG B 259 12.67 -33.62 10.15
CA ARG B 259 13.32 -34.90 10.41
C ARG B 259 13.47 -35.12 11.92
N THR B 260 13.44 -36.39 12.35
CA THR B 260 13.50 -36.71 13.76
C THR B 260 14.94 -36.65 14.21
N GLU B 261 15.15 -36.38 15.50
CA GLU B 261 16.49 -36.36 16.07
C GLU B 261 16.89 -37.81 16.38
#